data_6RPT
#
_entry.id   6RPT
#
_cell.length_a   86.830
_cell.length_b   56.948
_cell.length_c   90.072
_cell.angle_alpha   90.000
_cell.angle_beta   113.020
_cell.angle_gamma   90.000
#
_symmetry.space_group_name_H-M   'P 1 21 1'
#
loop_
_entity.id
_entity.type
_entity.pdbx_description
1 polymer 'Complement C5'
2 polymer 'Putative 8.9 kDa family member'
3 non-polymer GLYCEROL
4 water water
#
loop_
_entity_poly.entity_id
_entity_poly.type
_entity_poly.pdbx_seq_one_letter_code
_entity_poly.pdbx_strand_id
1 'polypeptide(L)'
;MKHHHHHHSAGLEVLFQGPMVLSPYKLNLVATPLFLKPGIPYPIKVQVKDSLDQLVGGVPVTLNAQTIDVNQETSDLDPS
KSVTRVDDGVASFVLNLPSGVTVLEFNVKTDAPDLPEENQAREGYRAIAYSSL
;
E,A,C
2 'polypeptide(L)'
;MKHHHHHHSAGLEVLFQGPMGDVQERGHTYVTKNVTVEDGACVYLRNVIPNGETKALNNPCVLSTCYAADRKVNSTLCPN
IGVDEGCHVEWTPDGVYPNCCPKHVCPSATASS
;
F,B,D
#
# COMPACT_ATOMS: atom_id res chain seq x y z
N MET A 20 -11.74 6.46 37.22
CA MET A 20 -11.09 7.11 36.09
C MET A 20 -10.74 8.54 36.45
N VAL A 21 -9.81 9.12 35.70
CA VAL A 21 -9.40 10.52 35.88
C VAL A 21 -9.49 11.20 34.52
N LEU A 22 -10.30 12.26 34.44
CA LEU A 22 -10.59 13.01 33.21
C LEU A 22 -11.38 12.16 32.23
N SER A 23 -10.79 11.06 31.77
CA SER A 23 -11.43 10.16 30.82
C SER A 23 -10.83 8.78 30.99
N PRO A 24 -11.63 7.72 30.80
CA PRO A 24 -11.06 6.37 30.87
C PRO A 24 -10.38 5.94 29.59
N TYR A 25 -10.45 6.74 28.54
CA TYR A 25 -9.94 6.36 27.22
C TYR A 25 -8.80 7.30 26.80
N LYS A 26 -7.89 6.74 26.03
CA LYS A 26 -6.75 7.44 25.46
C LYS A 26 -6.76 7.21 23.95
N LEU A 27 -6.66 8.29 23.18
CA LEU A 27 -6.71 8.21 21.72
C LEU A 27 -5.29 8.34 21.15
N ASN A 28 -4.97 7.51 20.17
CA ASN A 28 -3.68 7.60 19.51
C ASN A 28 -3.81 7.24 18.05
N LEU A 29 -3.11 7.98 17.18
CA LEU A 29 -3.12 7.67 15.76
C LEU A 29 -2.20 6.50 15.47
N VAL A 30 -2.63 5.65 14.54
CA VAL A 30 -1.85 4.50 14.07
C VAL A 30 -1.84 4.53 12.55
N ALA A 31 -0.65 4.38 11.95
CA ALA A 31 -0.48 4.35 10.50
C ALA A 31 -1.05 5.60 9.83
N THR A 32 -1.01 6.73 10.53
CA THR A 32 -1.55 7.99 10.01
C THR A 32 -0.47 9.06 10.10
N PRO A 33 0.42 9.13 9.11
CA PRO A 33 1.42 10.20 9.09
C PRO A 33 0.75 11.54 8.79
N LEU A 34 1.20 12.57 9.51
CA LEU A 34 0.61 13.90 9.40
C LEU A 34 1.17 14.67 8.20
N PHE A 35 1.10 14.07 7.00
CA PHE A 35 1.65 14.66 5.80
C PHE A 35 0.65 14.49 4.66
N LEU A 36 0.32 15.58 3.98
CA LEU A 36 -0.65 15.56 2.89
C LEU A 36 0.06 15.27 1.57
N LYS A 37 -0.27 14.13 0.97
CA LYS A 37 0.30 13.77 -0.33
C LYS A 37 -0.66 14.12 -1.44
N PRO A 38 -0.21 14.77 -2.51
CA PRO A 38 -1.15 15.29 -3.52
C PRO A 38 -1.78 14.16 -4.33
N GLY A 39 -3.07 14.32 -4.62
CA GLY A 39 -3.79 13.35 -5.42
C GLY A 39 -4.07 12.03 -4.74
N ILE A 40 -3.75 11.90 -3.45
CA ILE A 40 -3.95 10.65 -2.72
C ILE A 40 -4.93 10.91 -1.58
N PRO A 41 -5.92 10.03 -1.36
CA PRO A 41 -6.81 10.21 -0.22
C PRO A 41 -6.03 10.15 1.10
N TYR A 42 -6.57 10.81 2.12
CA TYR A 42 -5.92 10.87 3.42
C TYR A 42 -6.61 9.92 4.38
N PRO A 43 -5.96 8.84 4.81
CA PRO A 43 -6.57 7.96 5.80
C PRO A 43 -6.19 8.32 7.22
N ILE A 44 -7.12 8.07 8.14
CA ILE A 44 -6.95 8.36 9.57
C ILE A 44 -7.43 7.14 10.36
N LYS A 45 -6.52 6.53 11.11
CA LYS A 45 -6.84 5.38 11.95
C LYS A 45 -6.56 5.74 13.40
N VAL A 46 -7.58 5.64 14.25
CA VAL A 46 -7.49 6.03 15.65
C VAL A 46 -7.71 4.81 16.54
N GLN A 47 -6.80 4.61 17.49
CA GLN A 47 -6.89 3.56 18.50
C GLN A 47 -7.36 4.16 19.82
N VAL A 48 -8.20 3.41 20.52
CA VAL A 48 -8.73 3.80 21.83
C VAL A 48 -8.22 2.79 22.84
N LYS A 49 -7.49 3.27 23.84
CA LYS A 49 -6.99 2.45 24.93
C LYS A 49 -7.65 2.88 26.24
N ASP A 50 -7.46 2.07 27.27
CA ASP A 50 -7.89 2.41 28.62
C ASP A 50 -6.68 2.82 29.45
N SER A 51 -6.89 3.03 30.75
CA SER A 51 -5.78 3.40 31.62
C SER A 51 -4.75 2.29 31.76
N LEU A 52 -5.13 1.03 31.48
CA LEU A 52 -4.25 -0.10 31.56
C LEU A 52 -3.64 -0.47 30.22
N ASP A 53 -3.62 0.47 29.26
CA ASP A 53 -3.00 0.28 27.96
C ASP A 53 -3.63 -0.87 27.18
N GLN A 54 -4.91 -1.13 27.41
CA GLN A 54 -5.63 -2.21 26.73
C GLN A 54 -6.53 -1.65 25.65
N LEU A 55 -6.52 -2.29 24.50
CA LEU A 55 -7.41 -1.90 23.41
C LEU A 55 -8.86 -2.14 23.79
N VAL A 56 -9.74 -1.24 23.37
CA VAL A 56 -11.16 -1.35 23.65
C VAL A 56 -11.94 -1.12 22.35
N GLY A 57 -12.82 -2.06 22.01
CA GLY A 57 -13.61 -1.98 20.80
C GLY A 57 -15.05 -1.62 21.10
N GLY A 58 -15.76 -1.25 20.03
CA GLY A 58 -17.13 -0.83 20.16
C GLY A 58 -17.32 0.58 20.65
N VAL A 59 -16.30 1.42 20.54
CA VAL A 59 -16.35 2.80 21.00
C VAL A 59 -16.57 3.71 19.80
N PRO A 60 -17.64 4.50 19.76
CA PRO A 60 -17.81 5.44 18.65
C PRO A 60 -16.75 6.53 18.65
N VAL A 61 -16.31 6.90 17.46
CA VAL A 61 -15.32 7.96 17.27
C VAL A 61 -15.84 8.88 16.18
N THR A 62 -15.96 10.17 16.51
CA THR A 62 -16.41 11.21 15.60
C THR A 62 -15.20 12.05 15.19
N LEU A 63 -15.07 12.30 13.89
CA LEU A 63 -13.98 13.07 13.33
C LEU A 63 -14.53 14.36 12.73
N ASN A 64 -13.89 15.48 13.09
CA ASN A 64 -14.13 16.77 12.48
C ASN A 64 -12.84 17.27 11.85
N ALA A 65 -12.96 18.03 10.75
CA ALA A 65 -11.81 18.45 9.99
C ALA A 65 -12.01 19.85 9.43
N GLN A 66 -10.89 20.50 9.12
CA GLN A 66 -10.88 21.85 8.58
C GLN A 66 -9.65 22.01 7.68
N THR A 67 -9.87 22.48 6.45
CA THR A 67 -8.80 22.62 5.47
C THR A 67 -8.48 24.09 5.24
N ILE A 68 -7.19 24.39 5.14
CA ILE A 68 -6.68 25.70 4.80
C ILE A 68 -5.83 25.56 3.54
N ASP A 69 -6.16 26.36 2.51
CA ASP A 69 -5.54 26.26 1.21
C ASP A 69 -4.45 27.32 1.06
N VAL A 70 -3.98 27.50 -0.19
CA VAL A 70 -2.92 28.45 -0.48
C VAL A 70 -3.39 29.90 -0.36
N ASN A 71 -4.69 30.14 -0.47
CA ASN A 71 -5.25 31.49 -0.40
C ASN A 71 -5.81 31.81 0.97
N GLN A 72 -5.35 31.10 2.01
CA GLN A 72 -5.75 31.32 3.40
C GLN A 72 -7.25 31.12 3.61
N GLU A 73 -7.94 30.45 2.69
CA GLU A 73 -9.37 30.21 2.83
C GLU A 73 -9.62 28.92 3.61
N THR A 74 -10.71 28.94 4.37
CA THR A 74 -11.04 27.87 5.31
C THR A 74 -12.26 27.10 4.83
N SER A 75 -12.19 25.77 4.92
CA SER A 75 -13.31 24.92 4.57
C SER A 75 -13.54 23.90 5.68
N ASP A 76 -14.78 23.81 6.16
CA ASP A 76 -15.15 22.86 7.20
C ASP A 76 -15.81 21.64 6.55
N LEU A 77 -15.35 20.46 6.93
CA LEU A 77 -15.88 19.22 6.39
C LEU A 77 -17.06 18.73 7.24
N ASP A 78 -17.84 17.84 6.66
CA ASP A 78 -18.91 17.21 7.43
C ASP A 78 -18.32 16.18 8.39
N PRO A 79 -18.85 16.10 9.61
CA PRO A 79 -18.30 15.14 10.58
C PRO A 79 -18.50 13.70 10.12
N SER A 80 -17.50 12.86 10.37
CA SER A 80 -17.58 11.46 10.02
C SER A 80 -17.60 10.61 11.28
N LYS A 81 -18.18 9.41 11.19
CA LYS A 81 -18.34 8.53 12.34
C LYS A 81 -17.80 7.15 12.03
N SER A 82 -17.09 6.56 12.99
CA SER A 82 -16.62 5.19 12.89
C SER A 82 -16.67 4.55 14.26
N VAL A 83 -16.45 3.23 14.32
CA VAL A 83 -16.46 2.49 15.57
C VAL A 83 -15.19 1.65 15.64
N THR A 84 -14.59 1.59 16.83
CA THR A 84 -13.39 0.77 17.00
C THR A 84 -13.75 -0.71 16.93
N ARG A 85 -13.03 -1.45 16.10
CA ARG A 85 -13.31 -2.86 15.91
C ARG A 85 -13.00 -3.66 17.18
N VAL A 86 -13.59 -4.86 17.25
CA VAL A 86 -13.40 -5.73 18.40
C VAL A 86 -12.11 -6.53 18.29
N ASP A 87 -11.46 -6.54 17.13
CA ASP A 87 -10.22 -7.29 16.95
C ASP A 87 -8.97 -6.43 17.07
N ASP A 88 -9.09 -5.11 16.93
CA ASP A 88 -7.92 -4.25 17.07
C ASP A 88 -8.19 -2.90 17.70
N GLY A 89 -9.44 -2.57 18.03
CA GLY A 89 -9.74 -1.29 18.65
C GLY A 89 -9.39 -0.10 17.79
N VAL A 90 -9.64 -0.18 16.49
CA VAL A 90 -9.27 0.87 15.53
C VAL A 90 -10.52 1.36 14.84
N ALA A 91 -10.65 2.69 14.72
CA ALA A 91 -11.68 3.34 13.93
C ALA A 91 -11.03 4.04 12.75
N SER A 92 -11.57 3.84 11.55
CA SER A 92 -10.94 4.29 10.31
C SER A 92 -11.80 5.32 9.58
N PHE A 93 -11.14 6.32 9.02
CA PHE A 93 -11.77 7.34 8.19
C PHE A 93 -10.90 7.55 6.95
N VAL A 94 -11.55 8.00 5.87
CA VAL A 94 -10.87 8.35 4.63
C VAL A 94 -11.42 9.71 4.18
N LEU A 95 -10.53 10.68 4.03
CA LEU A 95 -10.90 12.01 3.55
C LEU A 95 -10.35 12.25 2.15
N ASN A 96 -11.09 13.01 1.36
CA ASN A 96 -10.67 13.42 0.03
C ASN A 96 -10.59 14.94 0.01
N LEU A 97 -9.39 15.46 -0.20
CA LEU A 97 -9.16 16.89 -0.04
C LEU A 97 -8.97 17.58 -1.39
N PRO A 98 -9.31 18.87 -1.49
CA PRO A 98 -9.04 19.61 -2.73
C PRO A 98 -7.56 19.69 -3.04
N SER A 99 -7.27 20.19 -4.25
CA SER A 99 -5.90 20.16 -4.76
C SER A 99 -5.00 21.22 -4.14
N GLY A 100 -5.55 22.36 -3.72
CA GLY A 100 -4.72 23.43 -3.21
C GLY A 100 -4.61 23.51 -1.69
N VAL A 101 -4.93 22.43 -1.00
CA VAL A 101 -4.95 22.43 0.47
C VAL A 101 -3.53 22.30 0.99
N THR A 102 -3.18 23.17 1.95
CA THR A 102 -1.88 23.16 2.60
C THR A 102 -1.92 22.61 4.01
N VAL A 103 -2.98 22.87 4.76
CA VAL A 103 -3.09 22.43 6.15
C VAL A 103 -4.42 21.74 6.36
N LEU A 104 -4.42 20.62 7.08
CA LEU A 104 -5.63 19.91 7.47
C LEU A 104 -5.60 19.75 8.99
N GLU A 105 -6.40 20.54 9.69
CA GLU A 105 -6.52 20.43 11.13
C GLU A 105 -7.76 19.62 11.45
N PHE A 106 -7.57 18.45 12.06
CA PHE A 106 -8.69 17.58 12.38
C PHE A 106 -8.64 17.19 13.85
N ASN A 107 -9.72 16.58 14.32
CA ASN A 107 -9.85 16.16 15.70
C ASN A 107 -10.79 14.97 15.78
N VAL A 108 -10.46 14.04 16.68
CA VAL A 108 -11.25 12.84 16.91
C VAL A 108 -11.68 12.83 18.36
N LYS A 109 -12.95 12.50 18.58
CA LYS A 109 -13.50 12.44 19.93
C LYS A 109 -14.34 11.18 20.10
N THR A 110 -14.27 10.57 21.28
CA THR A 110 -15.09 9.41 21.54
C THR A 110 -16.55 9.83 21.75
N ASP A 111 -17.44 8.85 21.64
CA ASP A 111 -18.86 9.04 21.88
C ASP A 111 -19.44 7.79 22.53
N ALA A 112 -18.80 7.35 23.61
CA ALA A 112 -19.24 6.14 24.30
C ALA A 112 -20.58 6.40 24.98
N PRO A 113 -21.55 5.49 24.85
CA PRO A 113 -22.87 5.74 25.44
C PRO A 113 -22.89 5.73 26.95
N ASP A 114 -21.85 5.22 27.61
CA ASP A 114 -21.80 5.14 29.07
C ASP A 114 -21.01 6.28 29.69
N LEU A 115 -20.56 7.26 28.90
CA LEU A 115 -19.77 8.36 29.41
C LEU A 115 -20.48 9.68 29.17
N PRO A 116 -20.39 10.64 30.10
CA PRO A 116 -20.92 11.98 29.85
C PRO A 116 -20.12 12.68 28.77
N GLU A 117 -20.65 13.82 28.33
CA GLU A 117 -19.97 14.61 27.30
C GLU A 117 -18.60 15.09 27.78
N GLU A 118 -18.52 15.54 29.03
CA GLU A 118 -17.28 16.11 29.54
C GLU A 118 -16.20 15.06 29.74
N ASN A 119 -16.56 13.78 29.84
CA ASN A 119 -15.61 12.71 30.11
C ASN A 119 -15.26 11.91 28.86
N GLN A 120 -15.50 12.45 27.68
CA GLN A 120 -15.11 11.80 26.44
C GLN A 120 -13.70 12.21 26.05
N ALA A 121 -12.93 11.23 25.58
CA ALA A 121 -11.57 11.50 25.15
C ALA A 121 -11.58 12.26 23.83
N ARG A 122 -10.75 13.30 23.75
CA ARG A 122 -10.67 14.16 22.58
C ARG A 122 -9.21 14.40 22.24
N GLU A 123 -8.88 14.41 20.94
CA GLU A 123 -7.51 14.66 20.52
C GLU A 123 -7.54 15.42 19.19
N GLY A 124 -6.55 16.30 19.02
CA GLY A 124 -6.46 17.11 17.81
C GLY A 124 -5.11 16.94 17.13
N TYR A 125 -5.13 16.94 15.80
CA TYR A 125 -3.93 16.76 15.00
C TYR A 125 -3.95 17.70 13.81
N ARG A 126 -2.75 17.93 13.26
CA ARG A 126 -2.55 18.89 12.18
C ARG A 126 -1.64 18.25 11.14
N ALA A 127 -2.19 17.98 9.95
CA ALA A 127 -1.43 17.42 8.84
C ALA A 127 -1.02 18.53 7.89
N ILE A 128 0.23 18.47 7.42
CA ILE A 128 0.83 19.54 6.64
C ILE A 128 1.18 19.03 5.25
N ALA A 129 0.97 19.88 4.24
CA ALA A 129 1.44 19.60 2.90
C ALA A 129 2.91 20.01 2.76
N TYR A 130 3.57 19.46 1.74
CA TYR A 130 4.98 19.74 1.55
C TYR A 130 5.22 21.23 1.33
N SER A 131 6.41 21.68 1.70
CA SER A 131 6.75 23.10 1.66
C SER A 131 8.26 23.29 1.59
N VAL B 23 -29.85 16.57 6.16
CA VAL B 23 -29.69 16.22 4.75
C VAL B 23 -28.21 16.23 4.37
N GLN B 24 -27.52 15.13 4.64
CA GLN B 24 -26.11 14.95 4.33
C GLN B 24 -25.73 15.38 2.92
N GLU B 25 -24.46 15.71 2.72
CA GLU B 25 -23.88 15.93 1.41
C GLU B 25 -22.76 14.93 1.23
N ARG B 26 -22.80 14.18 0.13
CA ARG B 26 -21.82 13.13 -0.09
C ARG B 26 -20.62 13.64 -0.88
N GLY B 27 -20.85 14.10 -2.10
CA GLY B 27 -19.75 14.63 -2.89
C GLY B 27 -19.56 16.12 -2.63
N HIS B 28 -18.40 16.48 -2.11
CA HIS B 28 -18.08 17.88 -1.86
C HIS B 28 -17.47 18.50 -3.10
N THR B 29 -17.79 19.76 -3.34
CA THR B 29 -17.32 20.49 -4.51
C THR B 29 -16.45 21.66 -4.07
N TYR B 30 -15.42 21.94 -4.87
CA TYR B 30 -14.56 23.08 -4.64
C TYR B 30 -14.32 23.80 -5.97
N VAL B 31 -13.78 25.01 -5.87
CA VAL B 31 -13.55 25.87 -7.02
C VAL B 31 -12.08 26.25 -7.04
N THR B 32 -11.41 25.93 -8.14
CA THR B 32 -10.04 26.37 -8.38
C THR B 32 -10.09 27.64 -9.24
N LYS B 33 -9.56 28.73 -8.70
CA LYS B 33 -9.60 30.03 -9.35
C LYS B 33 -8.28 30.33 -10.05
N ASN B 34 -8.34 31.26 -10.99
CA ASN B 34 -7.16 31.74 -11.74
C ASN B 34 -6.46 30.59 -12.46
N VAL B 35 -7.24 29.66 -13.02
CA VAL B 35 -6.65 28.61 -13.83
C VAL B 35 -6.24 29.17 -15.18
N THR B 36 -5.30 28.49 -15.83
CA THR B 36 -4.84 28.92 -17.14
C THR B 36 -5.83 28.54 -18.22
N VAL B 37 -6.11 29.47 -19.12
CA VAL B 37 -7.00 29.24 -20.24
C VAL B 37 -6.18 29.39 -21.52
N GLU B 38 -6.11 28.32 -22.31
CA GLU B 38 -5.37 28.31 -23.56
C GLU B 38 -6.23 27.65 -24.63
N ASP B 39 -6.39 28.33 -25.77
CA ASP B 39 -7.15 27.82 -26.90
C ASP B 39 -8.56 27.39 -26.47
N GLY B 40 -9.18 28.23 -25.65
CA GLY B 40 -10.53 27.97 -25.20
C GLY B 40 -10.69 26.83 -24.21
N ALA B 41 -9.59 26.32 -23.65
CA ALA B 41 -9.67 25.21 -22.71
C ALA B 41 -8.97 25.56 -21.41
N CYS B 42 -9.45 24.97 -20.32
CA CYS B 42 -8.82 25.11 -19.01
C CYS B 42 -7.71 24.08 -18.89
N VAL B 43 -6.55 24.53 -18.41
CA VAL B 43 -5.44 23.66 -18.08
C VAL B 43 -5.39 23.59 -16.55
N TYR B 44 -5.84 22.47 -15.99
CA TYR B 44 -5.91 22.27 -14.54
C TYR B 44 -5.10 21.03 -14.19
N LEU B 45 -3.90 21.25 -13.65
CA LEU B 45 -2.98 20.18 -13.24
C LEU B 45 -2.79 19.18 -14.38
N ARG B 46 -2.36 19.71 -15.52
CA ARG B 46 -2.12 18.96 -16.75
C ARG B 46 -3.37 18.31 -17.33
N ASN B 47 -4.56 18.73 -16.88
CA ASN B 47 -5.81 18.23 -17.43
C ASN B 47 -6.42 19.30 -18.33
N VAL B 48 -6.68 18.95 -19.58
CA VAL B 48 -7.28 19.87 -20.54
C VAL B 48 -8.79 19.66 -20.55
N ILE B 49 -9.53 20.71 -20.25
CA ILE B 49 -10.98 20.63 -20.23
C ILE B 49 -11.55 21.77 -21.07
N PRO B 50 -12.14 21.49 -22.23
CA PRO B 50 -12.71 22.57 -23.04
C PRO B 50 -13.84 23.30 -22.30
N ASN B 51 -14.07 24.54 -22.70
CA ASN B 51 -15.01 25.40 -22.01
C ASN B 51 -16.42 24.82 -22.02
N GLY B 52 -17.07 24.86 -20.86
CA GLY B 52 -18.41 24.34 -20.72
C GLY B 52 -18.54 22.84 -20.86
N GLU B 53 -17.51 22.09 -20.49
CA GLU B 53 -17.53 20.64 -20.57
C GLU B 53 -17.22 20.04 -19.21
N THR B 54 -17.86 18.91 -18.92
CA THR B 54 -17.66 18.19 -17.68
C THR B 54 -16.83 16.93 -17.95
N LYS B 55 -15.65 16.86 -17.36
CA LYS B 55 -14.71 15.78 -17.62
C LYS B 55 -14.33 15.08 -16.32
N ALA B 56 -14.26 13.75 -16.38
CA ALA B 56 -13.84 12.93 -15.25
C ALA B 56 -12.34 12.76 -15.30
N LEU B 57 -11.67 13.11 -14.19
CA LEU B 57 -10.22 13.13 -14.13
C LEU B 57 -9.71 11.98 -13.28
N ASN B 58 -8.44 11.65 -13.51
CA ASN B 58 -7.72 10.65 -12.73
C ASN B 58 -6.81 11.27 -11.67
N ASN B 59 -6.12 12.37 -12.01
CA ASN B 59 -5.25 13.06 -11.08
C ASN B 59 -5.46 14.56 -11.23
N PRO B 60 -6.18 15.20 -10.30
CA PRO B 60 -6.82 14.58 -9.14
C PRO B 60 -8.04 13.75 -9.50
N CYS B 61 -8.36 12.77 -8.66
CA CYS B 61 -9.53 11.95 -8.90
C CYS B 61 -10.80 12.74 -8.58
N VAL B 62 -11.16 13.68 -9.46
CA VAL B 62 -12.29 14.56 -9.27
C VAL B 62 -13.08 14.62 -10.56
N LEU B 63 -14.25 15.26 -10.48
CA LEU B 63 -15.12 15.48 -11.63
C LEU B 63 -15.17 16.98 -11.89
N SER B 64 -14.47 17.43 -12.94
CA SER B 64 -14.22 18.86 -13.13
C SER B 64 -15.05 19.44 -14.27
N THR B 65 -15.28 20.74 -14.19
CA THR B 65 -16.00 21.49 -15.21
C THR B 65 -15.34 22.86 -15.35
N CYS B 66 -15.01 23.22 -16.59
CA CYS B 66 -14.27 24.43 -16.86
C CYS B 66 -15.20 25.59 -17.19
N TYR B 67 -14.84 26.78 -16.71
CA TYR B 67 -15.50 28.04 -17.05
C TYR B 67 -14.36 28.97 -17.42
N ALA B 68 -14.05 29.03 -18.72
CA ALA B 68 -12.88 29.77 -19.18
C ALA B 68 -13.10 31.27 -19.15
N ALA B 69 -14.35 31.72 -19.26
CA ALA B 69 -14.62 33.15 -19.18
C ALA B 69 -14.27 33.70 -17.81
N ASP B 70 -14.54 32.92 -16.76
CA ASP B 70 -14.19 33.31 -15.40
C ASP B 70 -12.87 32.70 -14.95
N ARG B 71 -12.23 31.89 -15.81
CA ARG B 71 -10.95 31.24 -15.50
C ARG B 71 -11.05 30.41 -14.22
N LYS B 72 -12.15 29.66 -14.07
CA LYS B 72 -12.33 28.84 -12.89
C LYS B 72 -12.67 27.41 -13.29
N VAL B 73 -12.46 26.50 -12.34
CA VAL B 73 -12.76 25.08 -12.55
C VAL B 73 -13.50 24.58 -11.31
N ASN B 74 -14.72 24.07 -11.51
CA ASN B 74 -15.52 23.50 -10.43
C ASN B 74 -15.30 22.00 -10.42
N SER B 75 -14.79 21.46 -9.31
CA SER B 75 -14.43 20.05 -9.20
C SER B 75 -15.19 19.41 -8.05
N THR B 76 -15.81 18.26 -8.33
CA THR B 76 -16.50 17.47 -7.32
C THR B 76 -15.57 16.37 -6.83
N LEU B 77 -15.48 16.23 -5.50
CA LEU B 77 -14.59 15.27 -4.86
C LEU B 77 -15.32 13.95 -4.58
N CYS B 78 -14.54 12.92 -4.29
CA CYS B 78 -15.11 11.67 -3.83
C CYS B 78 -15.69 11.84 -2.43
N PRO B 79 -16.72 11.08 -2.09
CA PRO B 79 -17.31 11.21 -0.75
C PRO B 79 -16.38 10.65 0.32
N ASN B 80 -16.39 11.30 1.49
CA ASN B 80 -15.60 10.83 2.62
C ASN B 80 -16.26 9.61 3.26
N ILE B 81 -15.43 8.70 3.76
CA ILE B 81 -15.87 7.40 4.24
C ILE B 81 -15.64 7.30 5.74
N GLY B 82 -16.68 6.91 6.48
CA GLY B 82 -16.55 6.53 7.87
C GLY B 82 -16.78 5.04 8.03
N VAL B 83 -15.71 4.28 8.27
CA VAL B 83 -15.79 2.82 8.22
C VAL B 83 -16.66 2.30 9.36
N ASP B 84 -17.62 1.45 9.04
CA ASP B 84 -18.51 0.86 10.03
C ASP B 84 -17.94 -0.48 10.51
N GLU B 85 -18.71 -1.19 11.34
CA GLU B 85 -18.25 -2.47 11.85
C GLU B 85 -18.22 -3.51 10.74
N GLY B 86 -17.16 -4.31 10.73
CA GLY B 86 -16.98 -5.32 9.71
C GLY B 86 -16.78 -4.79 8.31
N CYS B 87 -16.37 -3.53 8.19
CA CYS B 87 -16.22 -2.86 6.90
C CYS B 87 -14.76 -2.54 6.66
N HIS B 88 -14.44 -2.22 5.41
CA HIS B 88 -13.09 -1.81 5.04
C HIS B 88 -13.17 -0.87 3.84
N VAL B 89 -12.00 -0.43 3.38
CA VAL B 89 -11.91 0.51 2.27
C VAL B 89 -11.09 -0.13 1.17
N GLU B 90 -11.66 -0.20 -0.03
CA GLU B 90 -10.97 -0.66 -1.22
C GLU B 90 -10.73 0.53 -2.13
N TRP B 91 -9.46 0.82 -2.40
CA TRP B 91 -9.09 1.98 -3.20
C TRP B 91 -8.01 1.62 -4.20
N THR B 92 -8.07 2.24 -5.38
CA THR B 92 -7.04 2.12 -6.39
C THR B 92 -6.91 3.46 -7.08
N PRO B 93 -5.68 3.91 -7.37
CA PRO B 93 -5.50 5.19 -8.06
C PRO B 93 -5.76 5.12 -9.55
N ASP B 94 -5.84 3.92 -10.13
CA ASP B 94 -6.02 3.78 -11.56
C ASP B 94 -7.44 4.14 -11.98
N GLY B 95 -7.58 4.55 -13.24
CA GLY B 95 -8.86 4.94 -13.77
C GLY B 95 -9.21 6.39 -13.46
N VAL B 96 -10.27 6.86 -14.12
CA VAL B 96 -10.75 8.21 -13.89
C VAL B 96 -11.90 8.17 -12.89
N TYR B 97 -12.38 9.34 -12.49
CA TYR B 97 -13.53 9.43 -11.61
C TYR B 97 -14.73 8.73 -12.25
N PRO B 98 -15.51 7.95 -11.48
CA PRO B 98 -15.32 7.69 -10.05
C PRO B 98 -14.63 6.38 -9.74
N ASN B 99 -13.98 5.77 -10.74
CA ASN B 99 -13.34 4.48 -10.51
C ASN B 99 -12.15 4.56 -9.56
N CYS B 100 -11.56 5.74 -9.39
CA CYS B 100 -10.44 5.91 -8.49
C CYS B 100 -10.85 6.37 -7.09
N CYS B 101 -12.15 6.51 -6.83
CA CYS B 101 -12.61 6.89 -5.51
C CYS B 101 -12.46 5.73 -4.53
N PRO B 102 -12.19 6.02 -3.25
CA PRO B 102 -12.23 4.95 -2.25
C PRO B 102 -13.64 4.41 -2.07
N LYS B 103 -13.74 3.10 -1.96
CA LYS B 103 -15.00 2.38 -1.86
C LYS B 103 -15.16 1.83 -0.45
N HIS B 104 -16.26 2.19 0.21
CA HIS B 104 -16.62 1.68 1.54
C HIS B 104 -17.24 0.29 1.35
N VAL B 105 -16.40 -0.74 1.43
CA VAL B 105 -16.82 -2.11 1.15
C VAL B 105 -17.14 -2.81 2.45
N CYS B 106 -18.39 -3.23 2.60
CA CYS B 106 -18.84 -4.10 3.68
C CYS B 106 -19.49 -5.34 3.09
N PRO B 107 -19.24 -6.51 3.65
CA PRO B 107 -19.67 -7.76 3.00
C PRO B 107 -21.18 -7.82 2.86
N SER B 108 -21.62 -8.26 1.69
CA SER B 108 -23.04 -8.36 1.36
C SER B 108 -23.21 -9.17 0.07
N MET C 20 -12.15 -19.00 -41.91
CA MET C 20 -11.70 -18.33 -40.68
C MET C 20 -10.37 -17.63 -40.91
N VAL C 21 -10.04 -16.69 -40.04
CA VAL C 21 -8.77 -15.99 -40.05
C VAL C 21 -8.16 -16.09 -38.66
N LEU C 22 -6.95 -16.66 -38.57
CA LEU C 22 -6.24 -16.88 -37.32
C LEU C 22 -6.95 -17.91 -36.44
N SER C 23 -8.17 -17.59 -36.01
CA SER C 23 -8.94 -18.46 -35.13
C SER C 23 -10.42 -18.20 -35.33
N PRO C 24 -11.27 -19.24 -35.27
CA PRO C 24 -12.71 -19.03 -35.40
C PRO C 24 -13.39 -18.56 -34.13
N TYR C 25 -12.67 -18.50 -33.02
CA TYR C 25 -13.26 -18.19 -31.72
C TYR C 25 -12.68 -16.88 -31.19
N LYS C 26 -13.52 -16.16 -30.44
CA LYS C 26 -13.13 -14.92 -29.79
C LYS C 26 -13.44 -15.04 -28.30
N LEU C 27 -12.45 -14.75 -27.46
CA LEU C 27 -12.57 -14.88 -26.02
C LEU C 27 -12.81 -13.52 -25.38
N ASN C 28 -13.74 -13.46 -24.44
CA ASN C 28 -13.97 -12.22 -23.71
C ASN C 28 -14.35 -12.52 -22.27
N LEU C 29 -13.84 -11.71 -21.35
CA LEU C 29 -14.18 -11.86 -19.94
C LEU C 29 -15.56 -11.25 -19.68
N VAL C 30 -16.33 -11.92 -18.83
CA VAL C 30 -17.64 -11.43 -18.43
C VAL C 30 -17.73 -11.49 -16.90
N ALA C 31 -18.19 -10.39 -16.29
CA ALA C 31 -18.35 -10.31 -14.84
C ALA C 31 -17.05 -10.65 -14.10
N THR C 32 -15.91 -10.33 -14.73
CA THR C 32 -14.60 -10.60 -14.16
C THR C 32 -13.80 -9.31 -14.15
N PRO C 33 -14.00 -8.46 -13.13
CA PRO C 33 -13.18 -7.25 -13.01
C PRO C 33 -11.74 -7.61 -12.65
N LEU C 34 -10.80 -6.89 -13.27
CA LEU C 34 -9.39 -7.19 -13.08
C LEU C 34 -8.86 -6.59 -11.78
N PHE C 35 -9.52 -6.89 -10.67
CA PHE C 35 -9.14 -6.35 -9.37
C PHE C 35 -9.23 -7.44 -8.32
N LEU C 36 -8.15 -7.59 -7.55
CA LEU C 36 -8.08 -8.62 -6.52
C LEU C 36 -8.64 -8.06 -5.22
N LYS C 37 -9.71 -8.68 -4.72
CA LYS C 37 -10.32 -8.25 -3.46
C LYS C 37 -9.78 -9.11 -2.33
N PRO C 38 -9.38 -8.51 -1.21
CA PRO C 38 -8.70 -9.28 -0.16
C PRO C 38 -9.64 -10.25 0.55
N GLY C 39 -9.11 -11.43 0.85
CA GLY C 39 -9.85 -12.46 1.55
C GLY C 39 -10.98 -13.11 0.78
N ILE C 40 -11.15 -12.77 -0.49
CA ILE C 40 -12.23 -13.31 -1.31
C ILE C 40 -11.63 -14.06 -2.48
N PRO C 41 -12.14 -15.25 -2.82
CA PRO C 41 -11.64 -15.95 -4.01
C PRO C 41 -11.87 -15.12 -5.28
N TYR C 42 -10.99 -15.34 -6.27
CA TYR C 42 -11.06 -14.59 -7.51
C TYR C 42 -11.71 -15.45 -8.58
N PRO C 43 -12.90 -15.12 -9.05
CA PRO C 43 -13.53 -15.87 -10.14
C PRO C 43 -13.20 -15.26 -11.50
N ILE C 44 -13.12 -16.14 -12.50
CA ILE C 44 -12.79 -15.76 -13.87
C ILE C 44 -13.78 -16.47 -14.78
N LYS C 45 -14.57 -15.70 -15.52
CA LYS C 45 -15.56 -16.26 -16.44
C LYS C 45 -15.21 -15.83 -17.86
N VAL C 46 -15.01 -16.81 -18.74
CA VAL C 46 -14.61 -16.55 -20.12
C VAL C 46 -15.74 -16.98 -21.04
N GLN C 47 -16.14 -16.10 -21.95
CA GLN C 47 -17.12 -16.39 -22.98
C GLN C 47 -16.43 -16.56 -24.32
N VAL C 48 -16.90 -17.55 -25.08
CA VAL C 48 -16.35 -17.88 -26.38
C VAL C 48 -17.41 -17.63 -27.43
N LYS C 49 -17.11 -16.74 -28.37
CA LYS C 49 -17.98 -16.44 -29.50
C LYS C 49 -17.33 -16.95 -30.78
N ASP C 50 -18.12 -16.94 -31.85
CA ASP C 50 -17.62 -17.24 -33.18
C ASP C 50 -17.52 -15.94 -33.97
N SER C 51 -17.22 -16.05 -35.26
CA SER C 51 -17.13 -14.87 -36.11
C SER C 51 -18.48 -14.18 -36.28
N LEU C 52 -19.59 -14.89 -36.08
CA LEU C 52 -20.91 -14.32 -36.23
C LEU C 52 -21.53 -13.88 -34.90
N ASP C 53 -20.70 -13.65 -33.88
CA ASP C 53 -21.15 -13.16 -32.57
C ASP C 53 -22.15 -14.12 -31.93
N GLN C 54 -22.01 -15.41 -32.22
CA GLN C 54 -22.90 -16.43 -31.70
C GLN C 54 -22.20 -17.21 -30.59
N LEU C 55 -22.93 -17.49 -29.52
CA LEU C 55 -22.40 -18.30 -28.43
C LEU C 55 -22.11 -19.70 -28.94
N VAL C 56 -21.00 -20.28 -28.47
CA VAL C 56 -20.60 -21.63 -28.83
C VAL C 56 -20.24 -22.38 -27.55
N GLY C 57 -20.89 -23.53 -27.34
CA GLY C 57 -20.67 -24.34 -26.17
C GLY C 57 -19.89 -25.61 -26.49
N GLY C 58 -19.41 -26.24 -25.41
CA GLY C 58 -18.63 -27.45 -25.55
C GLY C 58 -17.19 -27.23 -25.96
N VAL C 59 -16.65 -26.03 -25.75
CA VAL C 59 -15.28 -25.70 -26.12
C VAL C 59 -14.44 -25.74 -24.84
N PRO C 60 -13.39 -26.57 -24.79
CA PRO C 60 -12.51 -26.56 -23.62
C PRO C 60 -11.73 -25.27 -23.52
N VAL C 61 -11.56 -24.77 -22.30
CA VAL C 61 -10.80 -23.56 -22.03
C VAL C 61 -9.82 -23.88 -20.91
N THR C 62 -8.54 -23.63 -21.17
CA THR C 62 -7.46 -23.84 -20.22
C THR C 62 -6.98 -22.49 -19.71
N LEU C 63 -6.83 -22.37 -18.39
CA LEU C 63 -6.41 -21.15 -17.74
C LEU C 63 -5.06 -21.36 -17.07
N ASN C 64 -4.13 -20.45 -17.35
CA ASN C 64 -2.84 -20.39 -16.68
C ASN C 64 -2.71 -19.06 -15.96
N ALA C 65 -1.98 -19.05 -14.85
CA ALA C 65 -1.90 -17.86 -14.00
C ALA C 65 -0.51 -17.75 -13.40
N GLN C 66 -0.17 -16.52 -13.01
CA GLN C 66 1.12 -16.22 -12.41
C GLN C 66 0.93 -15.06 -11.44
N THR C 67 1.39 -15.23 -10.20
CA THR C 67 1.21 -14.25 -9.14
C THR C 67 2.53 -13.55 -8.81
N ILE C 68 2.43 -12.23 -8.58
CA ILE C 68 3.53 -11.40 -8.13
C ILE C 68 3.10 -10.79 -6.80
N ASP C 69 3.92 -10.99 -5.77
CA ASP C 69 3.57 -10.60 -4.42
C ASP C 69 4.22 -9.25 -4.07
N VAL C 70 4.21 -8.92 -2.77
CA VAL C 70 4.77 -7.65 -2.32
C VAL C 70 6.29 -7.64 -2.41
N ASN C 71 6.94 -8.80 -2.44
CA ASN C 71 8.39 -8.88 -2.52
C ASN C 71 8.89 -9.11 -3.94
N GLN C 72 8.07 -8.78 -4.95
CA GLN C 72 8.43 -8.90 -6.36
C GLN C 72 8.73 -10.34 -6.77
N GLU C 73 8.32 -11.31 -5.97
CA GLU C 73 8.57 -12.71 -6.26
C GLU C 73 7.45 -13.29 -7.12
N THR C 74 7.80 -14.25 -7.96
CA THR C 74 6.91 -14.82 -8.96
C THR C 74 6.53 -16.25 -8.60
N SER C 75 5.26 -16.58 -8.71
CA SER C 75 4.77 -17.93 -8.47
C SER C 75 3.85 -18.36 -9.61
N ASP C 76 4.11 -19.53 -10.19
CA ASP C 76 3.32 -20.05 -11.29
C ASP C 76 2.29 -21.05 -10.77
N LEU C 77 1.05 -20.88 -11.20
CA LEU C 77 -0.05 -21.74 -10.77
C LEU C 77 -0.20 -22.93 -11.71
N ASP C 78 -0.91 -23.95 -11.22
CA ASP C 78 -1.24 -25.12 -12.03
C ASP C 78 -2.37 -24.79 -12.98
N PRO C 79 -2.31 -25.27 -14.23
CA PRO C 79 -3.36 -24.95 -15.19
C PRO C 79 -4.71 -25.54 -14.78
N SER C 80 -5.78 -24.78 -15.05
CA SER C 80 -7.14 -25.20 -14.77
C SER C 80 -7.91 -25.39 -16.07
N LYS C 81 -8.94 -26.23 -16.01
CA LYS C 81 -9.72 -26.63 -17.18
C LYS C 81 -11.19 -26.40 -16.92
N SER C 82 -11.88 -25.88 -17.94
CA SER C 82 -13.34 -25.77 -17.88
C SER C 82 -13.88 -25.97 -19.29
N VAL C 83 -15.20 -26.10 -19.40
CA VAL C 83 -15.86 -26.26 -20.69
C VAL C 83 -16.98 -25.24 -20.78
N THR C 84 -17.13 -24.63 -21.95
CA THR C 84 -18.21 -23.66 -22.14
C THR C 84 -19.56 -24.38 -22.13
N ARG C 85 -20.48 -23.88 -21.32
CA ARG C 85 -21.79 -24.48 -21.21
C ARG C 85 -22.57 -24.32 -22.52
N VAL C 86 -23.58 -25.17 -22.71
CA VAL C 86 -24.39 -25.13 -23.92
C VAL C 86 -25.50 -24.09 -23.82
N ASP C 87 -25.77 -23.56 -22.63
CA ASP C 87 -26.83 -22.59 -22.45
C ASP C 87 -26.34 -21.14 -22.45
N ASP C 88 -25.05 -20.91 -22.21
CA ASP C 88 -24.55 -19.55 -22.22
C ASP C 88 -23.12 -19.42 -22.76
N GLY C 89 -22.44 -20.52 -23.10
CA GLY C 89 -21.09 -20.43 -23.63
C GLY C 89 -20.09 -19.82 -22.67
N VAL C 90 -20.16 -20.17 -21.39
CA VAL C 90 -19.31 -19.59 -20.37
C VAL C 90 -18.52 -20.71 -19.72
N ALA C 91 -17.22 -20.48 -19.53
CA ALA C 91 -16.35 -21.36 -18.75
C ALA C 91 -15.90 -20.61 -17.51
N SER C 92 -15.99 -21.24 -16.35
CA SER C 92 -15.75 -20.59 -15.08
C SER C 92 -14.55 -21.21 -14.37
N PHE C 93 -13.77 -20.37 -13.71
CA PHE C 93 -12.66 -20.79 -12.86
C PHE C 93 -12.70 -19.99 -11.58
N VAL C 94 -12.16 -20.58 -10.51
CA VAL C 94 -12.03 -19.90 -9.22
C VAL C 94 -10.63 -20.14 -8.69
N LEU C 95 -9.88 -19.06 -8.46
CA LEU C 95 -8.55 -19.15 -7.89
C LEU C 95 -8.55 -18.60 -6.47
N ASN C 96 -7.69 -19.18 -5.63
CA ASN C 96 -7.51 -18.72 -4.26
C ASN C 96 -6.06 -18.27 -4.09
N LEU C 97 -5.86 -16.98 -3.83
CA LEU C 97 -4.53 -16.40 -3.85
C LEU C 97 -4.05 -16.07 -2.44
N PRO C 98 -2.73 -16.10 -2.21
CA PRO C 98 -2.21 -15.68 -0.90
C PRO C 98 -2.53 -14.23 -0.59
N SER C 99 -2.25 -13.84 0.64
CA SER C 99 -2.66 -12.52 1.13
C SER C 99 -1.79 -11.40 0.58
N GLY C 100 -0.53 -11.67 0.28
CA GLY C 100 0.38 -10.62 -0.14
C GLY C 100 0.53 -10.47 -1.63
N VAL C 101 -0.43 -10.99 -2.39
CA VAL C 101 -0.36 -10.94 -3.85
C VAL C 101 -0.78 -9.56 -4.34
N THR C 102 0.03 -8.97 -5.21
CA THR C 102 -0.24 -7.66 -5.79
C THR C 102 -0.69 -7.72 -7.24
N VAL C 103 -0.13 -8.64 -8.03
CA VAL C 103 -0.46 -8.75 -9.45
C VAL C 103 -0.79 -10.20 -9.78
N LEU C 104 -1.83 -10.40 -10.59
CA LEU C 104 -2.18 -11.72 -11.09
C LEU C 104 -2.27 -11.62 -12.61
N GLU C 105 -1.27 -12.14 -13.31
CA GLU C 105 -1.29 -12.17 -14.78
C GLU C 105 -1.73 -13.56 -15.22
N PHE C 106 -2.87 -13.63 -15.90
CA PHE C 106 -3.40 -14.92 -16.32
C PHE C 106 -3.71 -14.88 -17.81
N ASN C 107 -4.00 -16.07 -18.35
CA ASN C 107 -4.30 -16.21 -19.78
C ASN C 107 -5.18 -17.43 -19.98
N VAL C 108 -6.12 -17.30 -20.92
CA VAL C 108 -7.06 -18.35 -21.25
C VAL C 108 -6.87 -18.71 -22.73
N LYS C 109 -6.87 -20.01 -23.00
CA LYS C 109 -6.73 -20.48 -24.38
C LYS C 109 -7.72 -21.62 -24.63
N THR C 110 -8.29 -21.64 -25.83
CA THR C 110 -9.18 -22.73 -26.20
C THR C 110 -8.39 -24.00 -26.48
N ASP C 111 -9.09 -25.12 -26.48
CA ASP C 111 -8.49 -26.42 -26.78
C ASP C 111 -9.52 -27.27 -27.54
N ALA C 112 -10.07 -26.70 -28.61
CA ALA C 112 -11.10 -27.39 -29.39
C ALA C 112 -10.47 -28.56 -30.14
N PRO C 113 -11.10 -29.74 -30.14
CA PRO C 113 -10.49 -30.90 -30.81
C PRO C 113 -10.44 -30.77 -32.32
N ASP C 114 -11.18 -29.84 -32.91
CA ASP C 114 -11.21 -29.68 -34.36
C ASP C 114 -10.28 -28.58 -34.86
N LEU C 115 -9.48 -27.97 -33.97
CA LEU C 115 -8.58 -26.91 -34.36
C LEU C 115 -7.14 -27.30 -34.09
N PRO C 116 -6.21 -26.91 -34.95
CA PRO C 116 -4.79 -27.12 -34.67
C PRO C 116 -4.34 -26.28 -33.48
N GLU C 117 -3.11 -26.56 -33.03
CA GLU C 117 -2.56 -25.82 -31.89
C GLU C 117 -2.44 -24.33 -32.21
N GLU C 118 -1.99 -24.00 -33.42
CA GLU C 118 -1.76 -22.60 -33.77
C GLU C 118 -3.05 -21.81 -33.96
N ASN C 119 -4.17 -22.48 -34.17
CA ASN C 119 -5.43 -21.81 -34.48
C ASN C 119 -6.39 -21.75 -33.29
N GLN C 120 -5.88 -21.91 -32.07
CA GLN C 120 -6.69 -21.79 -30.87
C GLN C 120 -6.72 -20.34 -30.40
N ALA C 121 -7.89 -19.90 -29.93
CA ALA C 121 -8.03 -18.55 -29.44
C ALA C 121 -7.32 -18.39 -28.09
N ARG C 122 -6.54 -17.31 -27.96
CA ARG C 122 -5.76 -17.05 -26.76
C ARG C 122 -5.94 -15.59 -26.34
N GLU C 123 -6.04 -15.37 -25.03
CA GLU C 123 -6.17 -14.01 -24.50
C GLU C 123 -5.45 -13.93 -23.16
N GLY C 124 -4.86 -12.77 -22.90
CA GLY C 124 -4.12 -12.54 -21.66
C GLY C 124 -4.65 -11.32 -20.93
N TYR C 125 -4.66 -11.40 -19.60
CA TYR C 125 -5.19 -10.34 -18.76
C TYR C 125 -4.30 -10.18 -17.53
N ARG C 126 -4.43 -9.00 -16.91
CA ARG C 126 -3.62 -8.61 -15.76
C ARG C 126 -4.53 -7.98 -14.72
N ALA C 127 -4.73 -8.68 -13.60
CA ALA C 127 -5.53 -8.16 -12.49
C ALA C 127 -4.62 -7.59 -11.41
N ILE C 128 -5.01 -6.44 -10.87
CA ILE C 128 -4.22 -5.71 -9.89
C ILE C 128 -5.00 -5.66 -8.59
N ALA C 129 -4.31 -5.82 -7.48
CA ALA C 129 -4.97 -5.70 -6.20
C ALA C 129 -5.08 -4.24 -5.78
N TYR C 130 -6.03 -3.97 -4.89
CA TYR C 130 -6.25 -2.62 -4.38
C TYR C 130 -5.03 -2.16 -3.58
N SER C 131 -4.90 -0.84 -3.46
CA SER C 131 -3.74 -0.22 -2.83
C SER C 131 -4.11 0.33 -1.46
N SER C 132 -3.12 0.90 -0.78
CA SER C 132 -3.28 1.43 0.57
C SER C 132 -4.31 2.55 0.64
N VAL D 23 1.31 -35.87 -11.59
CA VAL D 23 0.80 -35.57 -10.26
C VAL D 23 0.34 -34.13 -10.17
N GLN D 24 -0.74 -33.91 -9.44
CA GLN D 24 -1.30 -32.58 -9.22
C GLN D 24 -1.39 -32.30 -7.73
N GLU D 25 -1.40 -31.01 -7.39
CA GLU D 25 -1.55 -30.55 -6.02
C GLU D 25 -2.83 -29.74 -5.89
N ARG D 26 -3.63 -30.06 -4.86
CA ARG D 26 -4.92 -29.41 -4.66
C ARG D 26 -4.79 -28.15 -3.81
N GLY D 27 -4.35 -28.30 -2.57
CA GLY D 27 -4.15 -27.15 -1.72
C GLY D 27 -2.75 -26.59 -1.84
N HIS D 28 -2.62 -25.34 -2.30
CA HIS D 28 -1.33 -24.70 -2.42
C HIS D 28 -0.94 -24.04 -1.10
N THR D 29 0.34 -24.10 -0.77
CA THR D 29 0.85 -23.54 0.48
C THR D 29 1.82 -22.41 0.19
N TYR D 30 1.80 -21.40 1.05
CA TYR D 30 2.72 -20.28 0.95
C TYR D 30 3.25 -19.97 2.35
N VAL D 31 4.29 -19.15 2.38
CA VAL D 31 4.96 -18.80 3.64
C VAL D 31 4.97 -17.28 3.76
N THR D 32 4.38 -16.78 4.85
CA THR D 32 4.43 -15.38 5.19
C THR D 32 5.54 -15.16 6.21
N LYS D 33 6.52 -14.35 5.86
CA LYS D 33 7.67 -14.10 6.72
C LYS D 33 7.50 -12.78 7.46
N ASN D 34 8.29 -12.64 8.54
CA ASN D 34 8.30 -11.42 9.36
C ASN D 34 6.92 -11.13 9.96
N VAL D 35 6.22 -12.19 10.38
CA VAL D 35 4.94 -12.03 11.06
C VAL D 35 5.18 -11.53 12.48
N THR D 36 4.13 -10.97 13.09
CA THR D 36 4.28 -10.41 14.42
C THR D 36 4.39 -11.53 15.45
N VAL D 37 5.28 -11.37 16.41
CA VAL D 37 5.44 -12.34 17.49
C VAL D 37 5.09 -11.67 18.81
N GLU D 38 4.08 -12.21 19.49
CA GLU D 38 3.65 -11.70 20.79
C GLU D 38 3.42 -12.88 21.72
N ASP D 39 4.10 -12.87 22.87
CA ASP D 39 3.95 -13.91 23.89
C ASP D 39 4.12 -15.30 23.30
N GLY D 40 5.12 -15.46 22.43
CA GLY D 40 5.37 -16.76 21.84
C GLY D 40 4.36 -17.22 20.82
N ALA D 41 3.48 -16.33 20.36
CA ALA D 41 2.44 -16.68 19.39
C ALA D 41 2.56 -15.78 18.18
N CYS D 42 2.14 -16.29 17.03
CA CYS D 42 2.15 -15.53 15.79
C CYS D 42 0.90 -14.67 15.66
N VAL D 43 1.09 -13.41 15.34
CA VAL D 43 0.04 -12.49 14.96
C VAL D 43 0.18 -12.31 13.44
N TYR D 44 -0.74 -12.94 12.72
CA TYR D 44 -0.79 -12.96 11.27
C TYR D 44 -2.14 -12.42 10.82
N LEU D 45 -2.15 -11.19 10.32
CA LEU D 45 -3.36 -10.54 9.83
C LEU D 45 -4.49 -10.60 10.85
N ARG D 46 -4.20 -10.07 12.04
CA ARG D 46 -5.13 -10.01 13.16
C ARG D 46 -5.52 -11.39 13.68
N ASN D 47 -4.82 -12.44 13.27
CA ASN D 47 -5.07 -13.79 13.74
C ASN D 47 -3.99 -14.21 14.73
N VAL D 48 -4.42 -14.63 15.91
CA VAL D 48 -3.51 -15.12 16.95
C VAL D 48 -3.41 -16.63 16.81
N ILE D 49 -2.20 -17.12 16.59
CA ILE D 49 -1.94 -18.54 16.35
C ILE D 49 -0.82 -18.99 17.28
N PRO D 50 -1.08 -19.89 18.22
CA PRO D 50 0.00 -20.38 19.10
C PRO D 50 1.11 -21.03 18.30
N ASN D 51 2.28 -21.11 18.92
CA ASN D 51 3.50 -21.51 18.23
C ASN D 51 3.40 -22.91 17.62
N GLY D 52 3.30 -23.94 18.45
CA GLY D 52 3.23 -25.29 17.93
C GLY D 52 1.84 -25.78 17.56
N GLU D 53 0.98 -24.88 17.10
CA GLU D 53 -0.39 -25.24 16.76
C GLU D 53 -0.74 -24.82 15.34
N THR D 54 -1.56 -25.64 14.68
CA THR D 54 -2.07 -25.39 13.34
C THR D 54 -3.54 -25.00 13.47
N LYS D 55 -3.88 -23.80 13.02
CA LYS D 55 -5.20 -23.23 13.21
C LYS D 55 -5.88 -22.91 11.89
N ALA D 56 -7.17 -23.20 11.82
CA ALA D 56 -7.99 -22.88 10.67
C ALA D 56 -8.56 -21.47 10.84
N LEU D 57 -8.32 -20.62 9.85
CA LEU D 57 -8.69 -19.22 9.93
C LEU D 57 -9.86 -18.90 9.01
N ASN D 58 -10.53 -17.79 9.30
CA ASN D 58 -11.63 -17.29 8.49
C ASN D 58 -11.19 -16.19 7.53
N ASN D 59 -10.34 -15.28 7.97
CA ASN D 59 -9.84 -14.19 7.14
C ASN D 59 -8.34 -14.04 7.41
N PRO D 60 -7.48 -14.54 6.52
CA PRO D 60 -7.85 -15.23 5.28
C PRO D 60 -8.35 -16.66 5.53
N CYS D 61 -9.17 -17.16 4.60
CA CYS D 61 -9.69 -18.52 4.67
C CYS D 61 -8.61 -19.53 4.34
N VAL D 62 -7.66 -19.74 5.27
CA VAL D 62 -6.51 -20.61 5.07
C VAL D 62 -6.32 -21.47 6.31
N LEU D 63 -5.40 -22.42 6.19
CA LEU D 63 -5.01 -23.29 7.31
C LEU D 63 -3.55 -22.96 7.64
N SER D 64 -3.33 -22.26 8.75
CA SER D 64 -2.03 -21.68 9.05
C SER D 64 -1.32 -22.44 10.16
N THR D 65 0.01 -22.34 10.15
CA THR D 65 0.87 -22.94 11.16
C THR D 65 2.01 -21.99 11.46
N CYS D 66 2.22 -21.70 12.75
CA CYS D 66 3.17 -20.69 13.18
C CYS D 66 4.53 -21.32 13.49
N TYR D 67 5.60 -20.60 13.14
CA TYR D 67 6.97 -20.92 13.53
C TYR D 67 7.57 -19.61 14.00
N ALA D 68 7.50 -19.38 15.31
CA ALA D 68 7.91 -18.09 15.86
C ALA D 68 9.43 -17.93 15.87
N ALA D 69 10.17 -19.03 15.94
CA ALA D 69 11.63 -18.94 15.93
C ALA D 69 12.13 -18.35 14.63
N ASP D 70 11.52 -18.72 13.51
CA ASP D 70 11.84 -18.15 12.21
C ASP D 70 10.91 -17.01 11.82
N ARG D 71 9.94 -16.69 12.68
CA ARG D 71 8.97 -15.61 12.42
C ARG D 71 8.24 -15.83 11.10
N LYS D 72 7.81 -17.07 10.85
CA LYS D 72 7.14 -17.41 9.61
C LYS D 72 5.83 -18.12 9.90
N VAL D 73 4.95 -18.10 8.90
CA VAL D 73 3.65 -18.77 8.98
C VAL D 73 3.43 -19.51 7.68
N ASN D 74 3.23 -20.82 7.75
CA ASN D 74 2.95 -21.64 6.58
C ASN D 74 1.43 -21.81 6.48
N SER D 75 0.86 -21.35 5.37
CA SER D 75 -0.59 -21.32 5.20
C SER D 75 -0.98 -22.12 3.96
N THR D 76 -1.94 -23.01 4.12
CA THR D 76 -2.52 -23.78 3.03
C THR D 76 -3.80 -23.09 2.54
N LEU D 77 -3.90 -22.91 1.23
CA LEU D 77 -5.03 -22.25 0.59
C LEU D 77 -6.11 -23.25 0.21
N CYS D 78 -7.28 -22.72 -0.11
CA CYS D 78 -8.33 -23.56 -0.67
C CYS D 78 -7.96 -24.01 -2.08
N PRO D 79 -8.41 -25.18 -2.50
CA PRO D 79 -8.06 -25.66 -3.83
C PRO D 79 -8.76 -24.85 -4.92
N ASN D 80 -8.06 -24.65 -6.03
CA ASN D 80 -8.63 -23.94 -7.17
C ASN D 80 -9.61 -24.84 -7.91
N ILE D 81 -10.67 -24.22 -8.44
CA ILE D 81 -11.81 -24.93 -9.02
C ILE D 81 -11.85 -24.68 -10.52
N GLY D 82 -11.93 -25.76 -11.29
CA GLY D 82 -12.23 -25.68 -12.70
C GLY D 82 -13.60 -26.26 -12.97
N VAL D 83 -14.59 -25.40 -13.27
CA VAL D 83 -15.98 -25.84 -13.32
C VAL D 83 -16.18 -26.78 -14.49
N ASP D 84 -16.80 -27.92 -14.22
CA ASP D 84 -17.08 -28.93 -15.24
C ASP D 84 -18.46 -28.69 -15.85
N GLU D 85 -18.90 -29.60 -16.71
CA GLU D 85 -20.20 -29.46 -17.35
C GLU D 85 -21.32 -29.66 -16.33
N GLY D 86 -22.34 -28.81 -16.43
CA GLY D 86 -23.47 -28.90 -15.52
C GLY D 86 -23.13 -28.62 -14.08
N CYS D 87 -22.02 -27.94 -13.81
CA CYS D 87 -21.52 -27.69 -12.48
C CYS D 87 -21.59 -26.20 -12.17
N HIS D 88 -21.43 -25.87 -10.90
CA HIS D 88 -21.40 -24.48 -10.45
C HIS D 88 -20.53 -24.41 -9.21
N VAL D 89 -20.41 -23.21 -8.66
CA VAL D 89 -19.59 -22.96 -7.48
C VAL D 89 -20.48 -22.36 -6.40
N GLU D 90 -20.48 -22.98 -5.23
CA GLU D 90 -21.18 -22.45 -4.06
C GLU D 90 -20.14 -21.99 -3.05
N TRP D 91 -20.16 -20.69 -2.73
CA TRP D 91 -19.17 -20.10 -1.84
C TRP D 91 -19.85 -19.18 -0.85
N THR D 92 -19.34 -19.18 0.39
CA THR D 92 -19.79 -18.28 1.44
C THR D 92 -18.58 -17.90 2.28
N PRO D 93 -18.47 -16.64 2.69
CA PRO D 93 -17.34 -16.22 3.53
C PRO D 93 -17.47 -16.60 4.99
N ASP D 94 -18.66 -17.01 5.43
CA ASP D 94 -18.86 -17.33 6.84
C ASP D 94 -18.19 -18.64 7.20
N GLY D 95 -17.87 -18.79 8.48
CA GLY D 95 -17.20 -19.97 8.99
C GLY D 95 -15.70 -19.90 8.80
N VAL D 96 -15.01 -20.84 9.45
CA VAL D 96 -13.57 -20.93 9.35
C VAL D 96 -13.21 -21.97 8.30
N TYR D 97 -11.93 -22.10 8.01
CA TYR D 97 -11.46 -23.09 7.06
C TYR D 97 -11.88 -24.49 7.53
N PRO D 98 -12.35 -25.36 6.62
CA PRO D 98 -12.50 -25.10 5.19
C PRO D 98 -13.93 -24.73 4.78
N ASN D 99 -14.76 -24.34 5.74
CA ASN D 99 -16.16 -24.02 5.45
C ASN D 99 -16.30 -22.77 4.59
N CYS D 100 -15.29 -21.92 4.54
CA CYS D 100 -15.32 -20.72 3.71
C CYS D 100 -14.68 -20.94 2.34
N CYS D 101 -14.20 -22.14 2.05
CA CYS D 101 -13.62 -22.41 0.75
C CYS D 101 -14.72 -22.49 -0.32
N PRO D 102 -14.41 -22.09 -1.55
CA PRO D 102 -15.37 -22.29 -2.64
C PRO D 102 -15.57 -23.78 -2.90
N LYS D 103 -16.84 -24.15 -3.13
CA LYS D 103 -17.22 -25.54 -3.30
C LYS D 103 -17.61 -25.79 -4.75
N HIS D 104 -16.93 -26.74 -5.38
CA HIS D 104 -17.24 -27.16 -6.76
C HIS D 104 -18.45 -28.09 -6.67
N VAL D 105 -19.63 -27.52 -6.81
CA VAL D 105 -20.88 -28.25 -6.60
C VAL D 105 -21.43 -28.70 -7.95
N CYS D 106 -21.52 -30.01 -8.14
CA CYS D 106 -22.25 -30.61 -9.23
C CYS D 106 -23.27 -31.56 -8.61
N PRO D 107 -24.52 -31.53 -9.05
CA PRO D 107 -25.56 -32.29 -8.34
C PRO D 107 -25.29 -33.79 -8.36
N SER D 108 -25.54 -34.42 -7.21
CA SER D 108 -25.32 -35.84 -7.00
C SER D 108 -25.90 -36.70 -8.11
N MET E 20 19.49 12.46 -28.69
CA MET E 20 19.18 12.88 -27.32
C MET E 20 19.57 14.34 -27.14
N VAL E 21 18.99 14.99 -26.13
CA VAL E 21 19.35 16.35 -25.75
C VAL E 21 19.66 16.33 -24.26
N LEU E 22 20.89 16.72 -23.90
CA LEU E 22 21.38 16.69 -22.53
C LEU E 22 21.51 15.25 -22.03
N SER E 23 20.40 14.52 -21.97
CA SER E 23 20.43 13.15 -21.50
C SER E 23 19.27 12.41 -22.14
N PRO E 24 19.43 11.13 -22.48
CA PRO E 24 18.31 10.37 -23.03
C PRO E 24 17.36 9.83 -21.97
N TYR E 25 17.70 9.98 -20.69
CA TYR E 25 16.93 9.38 -19.60
C TYR E 25 16.32 10.45 -18.72
N LYS E 26 15.16 10.13 -18.16
CA LYS E 26 14.44 11.00 -17.24
C LYS E 26 14.20 10.23 -15.96
N LEU E 27 14.53 10.85 -14.82
CA LEU E 27 14.40 10.24 -13.52
C LEU E 27 13.16 10.77 -12.80
N ASN E 28 12.39 9.87 -12.18
CA ASN E 28 11.23 10.30 -11.43
C ASN E 28 11.04 9.39 -10.21
N LEU E 29 10.68 9.99 -9.08
CA LEU E 29 10.42 9.21 -7.88
C LEU E 29 9.05 8.57 -7.95
N VAL E 30 8.97 7.33 -7.46
CA VAL E 30 7.72 6.59 -7.38
C VAL E 30 7.58 6.06 -5.97
N ALA E 31 6.39 6.24 -5.38
CA ALA E 31 6.08 5.74 -4.04
C ALA E 31 7.09 6.23 -3.01
N THR E 32 7.64 7.42 -3.24
CA THR E 32 8.67 8.01 -2.38
C THR E 32 8.20 9.38 -1.95
N PRO E 33 7.39 9.46 -0.89
CA PRO E 33 7.00 10.77 -0.37
C PRO E 33 8.16 11.46 0.31
N LEU E 34 8.27 12.78 0.07
CA LEU E 34 9.38 13.57 0.60
C LEU E 34 9.11 14.01 2.04
N PHE E 35 8.79 13.05 2.91
CA PHE E 35 8.44 13.33 4.28
C PHE E 35 9.14 12.32 5.18
N LEU E 36 9.84 12.82 6.20
CA LEU E 36 10.58 11.97 7.12
C LEU E 36 9.67 11.56 8.27
N LYS E 37 9.41 10.27 8.39
CA LYS E 37 8.60 9.73 9.49
C LYS E 37 9.51 9.19 10.57
N PRO E 38 9.25 9.52 11.85
CA PRO E 38 10.22 9.17 12.90
C PRO E 38 10.25 7.67 13.19
N GLY E 39 11.46 7.15 13.42
CA GLY E 39 11.64 5.76 13.75
C GLY E 39 11.40 4.79 12.61
N ILE E 40 11.16 5.28 11.40
CA ILE E 40 10.85 4.43 10.26
C ILE E 40 11.92 4.61 9.20
N PRO E 41 12.42 3.54 8.59
CA PRO E 41 13.38 3.70 7.48
C PRO E 41 12.76 4.46 6.33
N TYR E 42 13.62 5.15 5.57
CA TYR E 42 13.18 5.96 4.45
C TYR E 42 13.48 5.23 3.15
N PRO E 43 12.47 4.78 2.41
CA PRO E 43 12.72 4.14 1.11
C PRO E 43 12.67 5.14 -0.04
N ILE E 44 13.49 4.88 -1.04
CA ILE E 44 13.59 5.74 -2.22
C ILE E 44 13.56 4.85 -3.45
N LYS E 45 12.55 5.03 -4.31
CA LYS E 45 12.42 4.28 -5.54
C LYS E 45 12.49 5.26 -6.71
N VAL E 46 13.45 5.03 -7.61
CA VAL E 46 13.67 5.91 -8.75
C VAL E 46 13.36 5.14 -10.03
N GLN E 47 12.55 5.75 -10.89
CA GLN E 47 12.18 5.20 -12.18
C GLN E 47 12.92 5.96 -13.27
N VAL E 48 13.40 5.22 -14.27
CA VAL E 48 14.15 5.78 -15.40
C VAL E 48 13.35 5.55 -16.67
N LYS E 49 12.99 6.63 -17.35
CA LYS E 49 12.31 6.58 -18.64
C LYS E 49 13.23 7.12 -19.72
N ASP E 50 12.81 6.92 -20.97
CA ASP E 50 13.48 7.52 -22.11
C ASP E 50 12.65 8.70 -22.61
N SER E 51 13.05 9.27 -23.74
CA SER E 51 12.30 10.40 -24.29
C SER E 51 10.89 10.01 -24.73
N LEU E 52 10.66 8.73 -24.99
CA LEU E 52 9.36 8.24 -25.43
C LEU E 52 8.52 7.70 -24.28
N ASP E 53 8.84 8.08 -23.03
CA ASP E 53 8.08 7.71 -21.85
C ASP E 53 8.04 6.20 -21.64
N GLN E 54 9.07 5.49 -22.10
CA GLN E 54 9.15 4.04 -21.97
C GLN E 54 10.13 3.67 -20.87
N LEU E 55 9.76 2.69 -20.05
CA LEU E 55 10.64 2.22 -19.00
C LEU E 55 11.89 1.56 -19.58
N VAL E 56 13.02 1.78 -18.94
CA VAL E 56 14.28 1.19 -19.35
C VAL E 56 14.96 0.57 -18.13
N GLY E 57 15.32 -0.70 -18.24
CA GLY E 57 15.94 -1.45 -17.17
C GLY E 57 17.43 -1.67 -17.39
N GLY E 58 18.09 -2.10 -16.33
CA GLY E 58 19.52 -2.33 -16.39
C GLY E 58 20.37 -1.08 -16.32
N VAL E 59 19.84 0.01 -15.81
CA VAL E 59 20.55 1.28 -15.74
C VAL E 59 21.05 1.47 -14.30
N PRO E 60 22.35 1.60 -14.08
CA PRO E 60 22.84 1.87 -12.71
C PRO E 60 22.40 3.25 -12.24
N VAL E 61 22.05 3.32 -10.95
CA VAL E 61 21.61 4.55 -10.30
C VAL E 61 22.38 4.68 -9.00
N THR E 62 23.08 5.80 -8.84
CA THR E 62 23.84 6.10 -7.63
C THR E 62 23.08 7.16 -6.83
N LEU E 63 22.95 6.93 -5.53
CA LEU E 63 22.26 7.82 -4.61
C LEU E 63 23.27 8.39 -3.62
N ASN E 64 23.24 9.72 -3.47
CA ASN E 64 23.97 10.43 -2.44
C ASN E 64 22.98 11.17 -1.56
N ALA E 65 23.32 11.34 -0.29
CA ALA E 65 22.40 11.92 0.68
C ALA E 65 23.15 12.74 1.71
N GLN E 66 22.43 13.66 2.34
CA GLN E 66 22.98 14.54 3.37
C GLN E 66 21.88 14.90 4.36
N THR E 67 22.15 14.72 5.65
CA THR E 67 21.18 14.96 6.70
C THR E 67 21.54 16.24 7.47
N ILE E 68 20.51 17.02 7.79
CA ILE E 68 20.61 18.20 8.63
C ILE E 68 19.69 18.01 9.82
N ASP E 69 20.25 18.14 11.03
CA ASP E 69 19.54 17.86 12.26
C ASP E 69 18.99 19.14 12.89
N VAL E 70 18.57 19.04 14.15
CA VAL E 70 17.99 20.18 14.86
C VAL E 70 19.05 21.22 15.22
N ASN E 71 20.32 20.83 15.28
CA ASN E 71 21.39 21.75 15.62
C ASN E 71 22.13 22.27 14.39
N GLN E 72 21.50 22.21 13.21
CA GLN E 72 22.06 22.70 11.96
C GLN E 72 23.34 21.98 11.57
N GLU E 73 23.61 20.81 12.13
CA GLU E 73 24.80 20.05 11.81
C GLU E 73 24.55 19.15 10.59
N THR E 74 25.60 18.95 9.81
CA THR E 74 25.52 18.26 8.53
C THR E 74 26.22 16.90 8.62
N SER E 75 25.58 15.87 8.08
CA SER E 75 26.18 14.54 8.01
C SER E 75 25.99 13.97 6.61
N ASP E 76 27.08 13.52 6.00
CA ASP E 76 27.06 12.94 4.67
C ASP E 76 27.08 11.43 4.76
N LEU E 77 26.17 10.78 4.04
CA LEU E 77 26.07 9.33 4.03
C LEU E 77 26.96 8.76 2.93
N ASP E 78 27.24 7.47 3.03
CA ASP E 78 28.00 6.80 1.99
C ASP E 78 27.09 6.58 0.77
N PRO E 79 27.61 6.77 -0.44
CA PRO E 79 26.76 6.61 -1.63
C PRO E 79 26.31 5.17 -1.79
N SER E 80 25.06 5.00 -2.24
CA SER E 80 24.50 3.68 -2.47
C SER E 80 24.26 3.47 -3.97
N LYS E 81 24.24 2.20 -4.38
CA LYS E 81 24.10 1.85 -5.79
C LYS E 81 22.97 0.85 -5.97
N SER E 82 22.18 1.04 -7.02
CA SER E 82 21.13 0.10 -7.38
C SER E 82 21.01 0.06 -8.90
N VAL E 83 20.22 -0.89 -9.41
CA VAL E 83 19.99 -1.02 -10.84
C VAL E 83 18.49 -1.09 -11.10
N THR E 84 18.03 -0.44 -12.16
CA THR E 84 16.61 -0.50 -12.50
C THR E 84 16.25 -1.89 -12.97
N ARG E 85 15.18 -2.45 -12.39
CA ARG E 85 14.75 -3.79 -12.73
C ARG E 85 14.24 -3.84 -14.17
N VAL E 86 14.20 -5.05 -14.72
CA VAL E 86 13.74 -5.25 -16.09
C VAL E 86 12.23 -5.35 -16.19
N ASP E 87 11.53 -5.51 -15.06
CA ASP E 87 10.08 -5.63 -15.08
C ASP E 87 9.35 -4.33 -14.78
N ASP E 88 10.03 -3.35 -14.18
CA ASP E 88 9.38 -2.08 -13.90
C ASP E 88 10.30 -0.87 -14.02
N GLY E 89 11.58 -1.05 -14.32
CA GLY E 89 12.49 0.07 -14.45
C GLY E 89 12.67 0.87 -13.18
N VAL E 90 12.74 0.21 -12.04
CA VAL E 90 12.82 0.86 -10.74
C VAL E 90 14.12 0.43 -10.06
N ALA E 91 14.82 1.40 -9.47
CA ALA E 91 15.96 1.16 -8.60
C ALA E 91 15.58 1.60 -7.20
N SER E 92 15.86 0.75 -6.21
CA SER E 92 15.40 0.95 -4.84
C SER E 92 16.56 1.12 -3.87
N PHE E 93 16.38 2.03 -2.92
CA PHE E 93 17.32 2.25 -1.83
C PHE E 93 16.54 2.37 -0.52
N VAL E 94 17.20 2.04 0.58
CA VAL E 94 16.62 2.20 1.92
C VAL E 94 17.66 2.88 2.80
N LEU E 95 17.30 4.01 3.38
CA LEU E 95 18.17 4.74 4.29
C LEU E 95 17.65 4.65 5.72
N ASN E 96 18.57 4.60 6.68
CA ASN E 96 18.25 4.62 8.10
C ASN E 96 18.86 5.87 8.70
N LEU E 97 18.02 6.77 9.18
CA LEU E 97 18.47 8.09 9.59
C LEU E 97 18.43 8.24 11.11
N PRO E 98 19.30 9.08 11.67
CA PRO E 98 19.26 9.35 13.11
C PRO E 98 17.94 9.97 13.54
N SER E 99 17.76 10.05 14.86
CA SER E 99 16.48 10.47 15.41
C SER E 99 16.25 11.98 15.29
N GLY E 100 17.31 12.78 15.30
CA GLY E 100 17.13 14.21 15.31
C GLY E 100 17.24 14.89 13.95
N VAL E 101 17.08 14.12 12.88
CA VAL E 101 17.23 14.65 11.53
C VAL E 101 15.98 15.40 11.12
N THR E 102 16.15 16.62 10.62
CA THR E 102 15.04 17.45 10.16
C THR E 102 14.95 17.53 8.65
N VAL E 103 16.08 17.55 7.94
CA VAL E 103 16.10 17.68 6.49
C VAL E 103 17.00 16.59 5.91
N LEU E 104 16.55 15.98 4.82
CA LEU E 104 17.34 14.99 4.09
C LEU E 104 17.41 15.44 2.63
N GLU E 105 18.56 15.98 2.23
CA GLU E 105 18.77 16.39 0.83
C GLU E 105 19.53 15.28 0.13
N PHE E 106 18.91 14.67 -0.87
CA PHE E 106 19.55 13.58 -1.59
C PHE E 106 19.48 13.84 -3.09
N ASN E 107 20.21 13.02 -3.84
CA ASN E 107 20.27 13.13 -5.28
C ASN E 107 20.59 11.78 -5.89
N VAL E 108 19.96 11.50 -7.03
CA VAL E 108 20.15 10.27 -7.76
C VAL E 108 20.67 10.59 -9.15
N LYS E 109 21.68 9.84 -9.59
CA LYS E 109 22.24 10.05 -10.92
C LYS E 109 22.45 8.71 -11.61
N THR E 110 22.22 8.68 -12.92
CA THR E 110 22.46 7.45 -13.66
C THR E 110 23.96 7.23 -13.85
N ASP E 111 24.31 6.00 -14.19
CA ASP E 111 25.68 5.63 -14.47
C ASP E 111 25.70 4.59 -15.59
N ALA E 112 25.03 4.91 -16.69
CA ALA E 112 24.94 3.99 -17.81
C ALA E 112 26.31 3.85 -18.47
N PRO E 113 26.75 2.63 -18.78
CA PRO E 113 28.08 2.46 -19.39
C PRO E 113 28.21 2.99 -20.80
N ASP E 114 27.09 3.29 -21.48
CA ASP E 114 27.11 3.78 -22.85
C ASP E 114 26.99 5.30 -22.93
N LEU E 115 26.96 6.01 -21.80
CA LEU E 115 26.81 7.45 -21.77
C LEU E 115 28.02 8.11 -21.13
N PRO E 116 28.44 9.27 -21.64
CA PRO E 116 29.49 10.03 -20.96
C PRO E 116 29.02 10.53 -19.61
N GLU E 117 29.98 11.07 -18.84
CA GLU E 117 29.65 11.61 -17.52
C GLU E 117 28.66 12.76 -17.62
N GLU E 118 28.85 13.65 -18.60
CA GLU E 118 28.02 14.84 -18.73
C GLU E 118 26.60 14.53 -19.18
N ASN E 119 26.37 13.36 -19.78
CA ASN E 119 25.08 13.00 -20.34
C ASN E 119 24.31 12.03 -19.45
N GLN E 120 24.67 11.94 -18.18
CA GLN E 120 23.93 11.09 -17.25
C GLN E 120 22.79 11.91 -16.63
N ALA E 121 21.65 11.25 -16.45
CA ALA E 121 20.51 11.92 -15.83
C ALA E 121 20.75 12.09 -14.34
N ARG E 122 20.46 13.29 -13.83
CA ARG E 122 20.65 13.64 -12.43
C ARG E 122 19.42 14.36 -11.91
N GLU E 123 19.06 14.06 -10.66
CA GLU E 123 17.93 14.72 -10.02
C GLU E 123 18.21 14.89 -8.54
N GLY E 124 17.73 15.99 -7.98
CA GLY E 124 17.93 16.30 -6.57
C GLY E 124 16.60 16.52 -5.88
N TYR E 125 16.51 16.05 -4.63
CA TYR E 125 15.28 16.13 -3.86
C TYR E 125 15.60 16.49 -2.42
N ARG E 126 14.59 17.01 -1.73
CA ARG E 126 14.72 17.48 -0.36
C ARG E 126 13.50 16.99 0.41
N ALA E 127 13.72 16.05 1.34
CA ALA E 127 12.66 15.54 2.20
C ALA E 127 12.72 16.24 3.54
N ILE E 128 11.55 16.62 4.05
CA ILE E 128 11.44 17.42 5.26
C ILE E 128 10.71 16.61 6.33
N ALA E 129 11.16 16.75 7.58
CA ALA E 129 10.46 16.17 8.71
C ALA E 129 9.35 17.10 9.18
N TYR E 130 8.41 16.53 9.94
CA TYR E 130 7.27 17.31 10.41
C TYR E 130 7.74 18.46 11.30
N SER E 131 6.93 19.51 11.37
CA SER E 131 7.28 20.72 12.10
C SER E 131 7.33 20.47 13.60
N VAL F 23 37.13 -0.28 2.74
CA VAL F 23 37.05 1.04 3.34
C VAL F 23 35.58 1.43 3.52
N GLN F 24 34.69 0.46 3.40
CA GLN F 24 33.26 0.71 3.59
C GLN F 24 32.88 0.61 5.06
N GLU F 25 31.82 1.33 5.42
CA GLU F 25 31.19 1.23 6.73
C GLU F 25 29.74 0.84 6.55
N ARG F 26 29.29 -0.18 7.28
CA ARG F 26 27.92 -0.65 7.13
C ARG F 26 26.96 0.07 8.09
N GLY F 27 27.18 -0.09 9.39
CA GLY F 27 26.36 0.60 10.37
C GLY F 27 26.91 1.96 10.75
N HIS F 28 26.16 3.02 10.49
CA HIS F 28 26.59 4.36 10.86
C HIS F 28 26.18 4.65 12.30
N THR F 29 27.02 5.40 13.00
CA THR F 29 26.79 5.75 14.40
C THR F 29 26.62 7.25 14.54
N TYR F 30 25.76 7.65 15.47
CA TYR F 30 25.56 9.06 15.78
C TYR F 30 25.55 9.26 17.29
N VAL F 31 25.65 10.51 17.71
CA VAL F 31 25.75 10.87 19.12
C VAL F 31 24.65 11.88 19.42
N THR F 32 23.78 11.53 20.37
CA THR F 32 22.78 12.46 20.89
C THR F 32 23.31 13.08 22.18
N LYS F 33 23.43 14.40 22.19
CA LYS F 33 23.97 15.13 23.33
C LYS F 33 22.85 15.71 24.18
N ASN F 34 23.21 16.07 25.42
CA ASN F 34 22.29 16.68 26.38
C ASN F 34 21.08 15.80 26.65
N VAL F 35 21.30 14.50 26.74
CA VAL F 35 20.22 13.59 27.11
C VAL F 35 19.95 13.71 28.60
N THR F 36 18.74 13.31 28.99
CA THR F 36 18.35 13.38 30.39
C THR F 36 18.97 12.22 31.16
N VAL F 37 19.51 12.52 32.34
CA VAL F 37 20.09 11.52 33.21
C VAL F 37 19.29 11.50 34.50
N GLU F 38 18.69 10.36 34.80
CA GLU F 38 17.89 10.17 36.01
C GLU F 38 18.25 8.85 36.65
N ASP F 39 18.55 8.88 37.95
CA ASP F 39 18.89 7.68 38.71
C ASP F 39 20.01 6.91 38.03
N GLY F 40 21.03 7.64 37.57
CA GLY F 40 22.17 7.02 36.94
C GLY F 40 21.93 6.42 35.58
N ALA F 41 20.79 6.70 34.96
CA ALA F 41 20.48 6.13 33.65
C ALA F 41 20.14 7.22 32.65
N CYS F 42 20.44 6.94 31.38
CA CYS F 42 20.08 7.83 30.28
C CYS F 42 18.65 7.56 29.87
N VAL F 43 17.87 8.63 29.70
CA VAL F 43 16.53 8.54 29.14
C VAL F 43 16.61 9.10 27.73
N TYR F 44 16.57 8.21 26.75
CA TYR F 44 16.67 8.57 25.33
C TYR F 44 15.41 8.09 24.63
N LEU F 45 14.52 9.04 24.32
CA LEU F 45 13.25 8.76 23.65
C LEU F 45 12.49 7.64 24.37
N ARG F 46 12.27 7.85 25.66
CA ARG F 46 11.56 6.91 26.54
C ARG F 46 12.29 5.58 26.69
N ASN F 47 13.57 5.52 26.32
CA ASN F 47 14.39 4.33 26.50
C ASN F 47 15.31 4.56 27.69
N VAL F 48 15.27 3.68 28.67
CA VAL F 48 16.12 3.76 29.85
C VAL F 48 17.35 2.89 29.62
N ILE F 49 18.53 3.51 29.68
CA ILE F 49 19.79 2.79 29.49
C ILE F 49 20.71 3.13 30.66
N PRO F 50 21.02 2.19 31.55
CA PRO F 50 21.92 2.51 32.66
C PRO F 50 23.31 2.90 32.15
N ASN F 51 24.03 3.65 33.00
CA ASN F 51 25.31 4.23 32.60
C ASN F 51 26.32 3.14 32.23
N GLY F 52 26.97 3.32 31.09
CA GLY F 52 27.96 2.37 30.62
C GLY F 52 27.41 1.04 30.14
N GLU F 53 26.20 1.03 29.61
CA GLU F 53 25.58 -0.20 29.13
C GLU F 53 25.15 -0.02 27.68
N THR F 54 25.25 -1.12 26.93
CA THR F 54 24.84 -1.15 25.53
C THR F 54 23.53 -1.92 25.42
N LYS F 55 22.48 -1.23 24.97
CA LYS F 55 21.14 -1.77 24.92
C LYS F 55 20.60 -1.71 23.50
N ALA F 56 19.91 -2.78 23.10
CA ALA F 56 19.25 -2.84 21.80
C ALA F 56 17.84 -2.28 21.94
N LEU F 57 17.51 -1.28 21.12
CA LEU F 57 16.25 -0.58 21.22
C LEU F 57 15.33 -0.95 20.06
N ASN F 58 14.04 -0.72 20.27
CA ASN F 58 13.03 -0.91 19.24
C ASN F 58 12.63 0.39 18.56
N ASN F 59 12.51 1.47 19.32
CA ASN F 59 12.18 2.79 18.76
C ASN F 59 13.06 3.84 19.46
N PRO F 60 14.11 4.32 18.79
CA PRO F 60 14.54 3.96 17.44
C PRO F 60 15.19 2.58 17.34
N CYS F 61 15.12 1.98 16.16
CA CYS F 61 15.75 0.69 15.93
C CYS F 61 17.26 0.86 15.85
N VAL F 62 17.91 1.11 16.99
CA VAL F 62 19.34 1.37 17.05
C VAL F 62 19.94 0.59 18.20
N LEU F 63 21.28 0.59 18.26
CA LEU F 63 22.02 -0.04 19.35
C LEU F 63 22.71 1.08 20.13
N SER F 64 22.21 1.39 21.32
CA SER F 64 22.61 2.59 22.05
C SER F 64 23.51 2.27 23.23
N THR F 65 24.30 3.27 23.61
CA THR F 65 25.21 3.17 24.75
C THR F 65 25.22 4.51 25.46
N CYS F 66 24.99 4.49 26.77
CA CYS F 66 24.85 5.69 27.56
C CYS F 66 26.17 6.09 28.20
N TYR F 67 26.44 7.39 28.23
CA TYR F 67 27.58 7.97 28.95
C TYR F 67 26.99 9.13 29.76
N ALA F 68 26.63 8.84 31.01
CA ALA F 68 25.92 9.82 31.83
C ALA F 68 26.85 10.94 32.30
N ALA F 69 28.14 10.67 32.42
CA ALA F 69 29.08 11.71 32.83
C ALA F 69 29.11 12.83 31.81
N ASP F 70 29.07 12.49 30.52
CA ASP F 70 28.99 13.47 29.45
C ASP F 70 27.57 13.72 28.98
N ARG F 71 26.58 13.02 29.54
CA ARG F 71 25.18 13.17 29.16
C ARG F 71 24.99 12.95 27.66
N LYS F 72 25.62 11.89 27.14
CA LYS F 72 25.54 11.60 25.72
C LYS F 72 25.11 10.14 25.52
N VAL F 73 24.59 9.87 24.32
CA VAL F 73 24.17 8.53 23.93
C VAL F 73 24.70 8.25 22.54
N ASN F 74 25.51 7.20 22.41
CA ASN F 74 26.06 6.78 21.12
C ASN F 74 25.20 5.65 20.57
N SER F 75 24.58 5.86 19.41
CA SER F 75 23.65 4.91 18.83
C SER F 75 24.13 4.47 17.45
N THR F 76 24.14 3.16 17.22
CA THR F 76 24.47 2.57 15.93
C THR F 76 23.19 2.29 15.16
N LEU F 77 23.15 2.73 13.90
CA LEU F 77 22.00 2.58 13.03
C LEU F 77 22.10 1.29 12.20
N CYS F 78 20.97 0.93 11.60
CA CYS F 78 20.95 -0.17 10.66
C CYS F 78 21.69 0.23 9.38
N PRO F 79 22.30 -0.72 8.67
CA PRO F 79 23.02 -0.39 7.44
C PRO F 79 22.07 -0.01 6.31
N ASN F 80 22.49 0.95 5.50
CA ASN F 80 21.70 1.35 4.34
C ASN F 80 21.83 0.30 3.24
N ILE F 81 20.75 0.11 2.50
CA ILE F 81 20.63 -0.97 1.52
C ILE F 81 20.54 -0.38 0.12
N GLY F 82 21.37 -0.88 -0.79
CA GLY F 82 21.22 -0.61 -2.21
C GLY F 82 20.78 -1.87 -2.92
N VAL F 83 19.51 -1.92 -3.32
CA VAL F 83 18.91 -3.15 -3.82
C VAL F 83 19.53 -3.54 -5.16
N ASP F 84 19.94 -4.80 -5.26
CA ASP F 84 20.52 -5.30 -6.49
C ASP F 84 19.45 -5.90 -7.39
N GLU F 85 19.88 -6.48 -8.52
CA GLU F 85 18.95 -7.11 -9.44
C GLU F 85 18.36 -8.37 -8.84
N GLY F 86 17.05 -8.56 -9.05
CA GLY F 86 16.36 -9.70 -8.49
C GLY F 86 16.30 -9.72 -6.98
N CYS F 87 16.52 -8.56 -6.35
CA CYS F 87 16.57 -8.43 -4.90
C CYS F 87 15.42 -7.56 -4.43
N HIS F 88 15.16 -7.61 -3.13
CA HIS F 88 14.14 -6.76 -2.53
C HIS F 88 14.50 -6.50 -1.07
N VAL F 89 13.64 -5.75 -0.40
CA VAL F 89 13.84 -5.38 1.00
C VAL F 89 12.66 -5.90 1.81
N GLU F 90 12.96 -6.68 2.85
CA GLU F 90 11.95 -7.15 3.79
C GLU F 90 12.19 -6.43 5.12
N TRP F 91 11.19 -5.69 5.59
CA TRP F 91 11.33 -4.88 6.80
C TRP F 91 10.12 -5.05 7.69
N THR F 92 10.35 -5.03 9.00
CA THR F 92 9.28 -5.04 9.98
C THR F 92 9.71 -4.17 11.16
N PRO F 93 8.79 -3.39 11.71
CA PRO F 93 9.13 -2.55 12.87
C PRO F 93 9.17 -3.29 14.19
N ASP F 94 8.64 -4.51 14.25
CA ASP F 94 8.58 -5.24 15.50
C ASP F 94 9.96 -5.75 15.90
N GLY F 95 10.13 -5.97 17.21
CA GLY F 95 11.38 -6.43 17.75
C GLY F 95 12.37 -5.30 17.97
N VAL F 96 13.45 -5.64 18.69
CA VAL F 96 14.53 -4.69 18.94
C VAL F 96 15.62 -4.89 17.91
N TYR F 97 16.63 -4.03 17.96
CA TYR F 97 17.77 -4.17 17.06
C TYR F 97 18.43 -5.54 17.26
N PRO F 98 18.80 -6.23 16.17
CA PRO F 98 18.65 -5.81 14.78
C PRO F 98 17.44 -6.41 14.07
N ASN F 99 16.48 -6.96 14.83
CA ASN F 99 15.33 -7.61 14.21
C ASN F 99 14.42 -6.63 13.48
N CYS F 100 14.50 -5.34 13.82
CA CYS F 100 13.70 -4.33 13.15
C CYS F 100 14.44 -3.65 12.01
N CYS F 101 15.68 -4.05 11.73
CA CYS F 101 16.42 -3.46 10.63
C CYS F 101 15.87 -3.95 9.29
N PRO F 102 15.93 -3.12 8.25
CA PRO F 102 15.58 -3.60 6.91
C PRO F 102 16.56 -4.67 6.44
N LYS F 103 16.03 -5.70 5.82
CA LYS F 103 16.80 -6.86 5.39
C LYS F 103 16.88 -6.86 3.86
N HIS F 104 18.10 -6.86 3.33
CA HIS F 104 18.34 -6.96 1.89
C HIS F 104 18.22 -8.43 1.50
N VAL F 105 17.00 -8.82 1.12
CA VAL F 105 16.67 -10.21 0.85
C VAL F 105 16.70 -10.46 -0.66
N CYS F 106 17.59 -11.35 -1.10
CA CYS F 106 17.54 -11.85 -2.47
C CYS F 106 17.41 -13.37 -2.43
N PRO F 107 16.30 -13.95 -2.86
CA PRO F 107 16.19 -15.40 -2.83
C PRO F 107 17.10 -16.01 -3.89
N SER F 108 17.78 -17.09 -3.53
CA SER F 108 18.68 -17.76 -4.46
C SER F 108 18.08 -19.09 -4.89
#